data_4QPF
#
_entry.id   4QPF
#
_cell.length_a   112.226
_cell.length_b   112.226
_cell.length_c   65.979
_cell.angle_alpha   90.00
_cell.angle_beta   90.00
_cell.angle_gamma   90.00
#
_symmetry.space_group_name_H-M   'P 41 21 2'
#
loop_
_entity.id
_entity.type
_entity.pdbx_description
1 polymer 'Farnesyl pyrophosphate synthase'
2 non-polymer '[1-fluoro-2-(imidazo[1,2-a]pyridin-3-yl)ethane-1,1-diyl]bis(phosphonic acid)'
3 non-polymer 'MAGNESIUM ION'
4 water water
#
_entity_poly.entity_id   1
_entity_poly.type   'polypeptide(L)'
_entity_poly.pdbx_seq_one_letter_code
;MGSSHHHHHHSSGRENLYFQGHMNGDQNSDVYAQEKQDFVQHFSQIVRVLTEDEMGHPEIGDAIARLKEVLEYNAIGGKY
NRGLTVVVAFRELVEPRKQDADSLQRAWTVGWCVELLQAFFLVADDIMDSSLTRRGQICWYQKPGVGLDAINDANLLEAC
IYRLLKLYCREQPYYLNLIELFLQSSYQTEIGQTLDLLTAPQGNVDLVRFTEKRYKSIVKYKTAFYSFYLPIAAAMYMAG
IDGEKEHANAKKILLEMGEFFQIQDDYLDLFGDPSVTGKIGTDIQDNKCSWLVVQCLQRATPEQYQILKENYGQKEAEKV
ARVKALYEELDLPAVFLQYEEDSYSHIMALIEQYAAPLPPAVFLGLARKIYKRRK
;
_entity_poly.pdbx_strand_id   A
#
# COMPACT_ATOMS: atom_id res chain seq x y z
N VAL A 31 12.83 -3.71 15.26
CA VAL A 31 13.47 -2.66 16.09
C VAL A 31 14.18 -1.56 15.27
N TYR A 32 14.75 -1.89 14.08
CA TYR A 32 15.84 -1.07 13.43
C TYR A 32 15.64 -0.44 12.02
N ALA A 33 16.36 0.66 11.84
CA ALA A 33 16.74 1.21 10.55
C ALA A 33 18.05 0.61 9.99
N GLN A 34 18.83 -0.10 10.79
CA GLN A 34 19.93 -0.85 10.20
C GLN A 34 19.36 -1.99 9.33
N GLU A 35 18.26 -2.59 9.82
CA GLU A 35 17.55 -3.64 9.07
C GLU A 35 17.09 -3.08 7.74
N LYS A 36 16.54 -1.87 7.78
CA LYS A 36 16.08 -1.24 6.55
C LYS A 36 17.20 -0.97 5.54
N GLN A 37 18.34 -0.42 5.97
CA GLN A 37 19.47 -0.18 5.06
CA GLN A 37 19.44 -0.16 5.04
C GLN A 37 19.96 -1.48 4.45
N ASP A 38 19.93 -2.58 5.22
CA ASP A 38 20.40 -3.89 4.74
C ASP A 38 19.51 -4.35 3.57
N PHE A 39 18.21 -4.13 3.73
CA PHE A 39 17.22 -4.48 2.68
C PHE A 39 17.42 -3.67 1.38
N VAL A 40 17.52 -2.36 1.52
CA VAL A 40 17.64 -1.44 0.45
C VAL A 40 18.95 -1.68 -0.35
N GLN A 41 19.99 -2.13 0.37
CA GLN A 41 21.25 -2.48 -0.29
C GLN A 41 21.09 -3.61 -1.30
N HIS A 42 20.07 -4.46 -1.18
CA HIS A 42 19.87 -5.56 -2.15
C HIS A 42 19.19 -5.13 -3.48
N PHE A 43 18.77 -3.88 -3.57
CA PHE A 43 18.05 -3.41 -4.77
C PHE A 43 18.93 -3.55 -6.00
N SER A 44 20.21 -3.21 -5.88
CA SER A 44 21.07 -3.31 -7.07
C SER A 44 21.19 -4.69 -7.60
N GLN A 45 21.23 -5.70 -6.71
CA GLN A 45 21.29 -7.09 -7.08
CA GLN A 45 21.24 -7.13 -7.09
C GLN A 45 19.94 -7.51 -7.78
N ILE A 46 18.83 -7.07 -7.25
CA ILE A 46 17.53 -7.39 -7.86
C ILE A 46 17.52 -6.79 -9.30
N VAL A 47 17.88 -5.53 -9.45
CA VAL A 47 17.91 -4.96 -10.80
C VAL A 47 18.85 -5.74 -11.68
N ARG A 48 20.04 -6.05 -11.17
CA ARG A 48 20.96 -6.76 -12.00
C ARG A 48 20.41 -8.06 -12.57
N VAL A 49 19.88 -8.90 -11.71
CA VAL A 49 19.37 -10.17 -12.16
C VAL A 49 18.14 -10.07 -13.11
N LEU A 50 17.40 -8.99 -13.02
CA LEU A 50 16.25 -8.79 -13.90
C LEU A 50 16.65 -8.19 -15.25
N THR A 51 17.85 -7.62 -15.32
CA THR A 51 18.20 -6.82 -16.49
C THR A 51 19.47 -7.32 -17.22
N GLU A 52 19.65 -8.63 -17.30
CA GLU A 52 20.63 -9.20 -18.26
C GLU A 52 20.15 -9.23 -19.71
N PRO A 58 20.34 -10.74 -27.34
CA PRO A 58 20.77 -9.36 -27.52
C PRO A 58 19.66 -8.46 -28.08
N GLU A 59 18.83 -9.02 -28.96
CA GLU A 59 17.70 -8.28 -29.60
C GLU A 59 16.74 -7.49 -28.61
N ILE A 60 16.59 -7.94 -27.38
CA ILE A 60 15.64 -7.28 -26.50
C ILE A 60 16.32 -6.23 -25.65
N GLY A 61 17.57 -5.96 -25.94
CA GLY A 61 18.35 -5.06 -25.16
C GLY A 61 17.74 -3.74 -24.86
N ASP A 62 17.18 -3.06 -25.87
CA ASP A 62 16.63 -1.77 -25.67
C ASP A 62 15.44 -1.90 -24.66
N ALA A 63 14.73 -3.00 -24.77
CA ALA A 63 13.55 -3.17 -23.88
C ALA A 63 14.04 -3.39 -22.45
N ILE A 64 15.10 -4.16 -22.29
CA ILE A 64 15.67 -4.43 -20.97
C ILE A 64 16.21 -3.16 -20.35
N ALA A 65 16.79 -2.25 -21.14
CA ALA A 65 17.18 -1.02 -20.60
C ALA A 65 16.06 -0.14 -20.14
N ARG A 66 14.93 -0.20 -20.84
CA ARG A 66 13.76 0.54 -20.43
C ARG A 66 13.26 -0.06 -19.12
N LEU A 67 13.25 -1.39 -19.07
CA LEU A 67 12.90 -2.03 -17.80
C LEU A 67 13.77 -1.52 -16.62
N LYS A 68 15.08 -1.44 -16.81
CA LYS A 68 15.93 -0.96 -15.78
C LYS A 68 15.49 0.46 -15.37
N GLU A 69 15.31 1.36 -16.36
CA GLU A 69 14.87 2.70 -16.12
C GLU A 69 13.53 2.71 -15.26
N VAL A 70 12.54 1.84 -15.58
CA VAL A 70 11.26 1.79 -14.83
C VAL A 70 11.48 1.33 -13.41
N LEU A 71 12.31 0.36 -13.21
CA LEU A 71 12.64 -0.17 -11.83
C LEU A 71 13.26 0.92 -10.96
N GLU A 72 14.28 1.57 -11.49
CA GLU A 72 15.06 2.61 -10.80
CA GLU A 72 15.04 2.59 -10.78
C GLU A 72 14.15 3.80 -10.45
N TYR A 73 13.19 4.17 -11.32
CA TYR A 73 12.43 5.36 -11.09
C TYR A 73 11.33 5.02 -10.10
N ASN A 74 10.77 3.83 -10.21
CA ASN A 74 9.49 3.55 -9.51
C ASN A 74 9.55 2.62 -8.34
N ALA A 75 10.62 1.85 -8.20
CA ALA A 75 10.64 0.84 -7.11
C ALA A 75 11.41 1.39 -5.92
N ILE A 76 12.09 2.51 -6.08
CA ILE A 76 12.77 3.11 -4.91
C ILE A 76 12.19 4.45 -4.52
N GLY A 77 12.46 4.90 -3.30
CA GLY A 77 12.13 6.30 -2.90
C GLY A 77 11.03 6.40 -1.84
N GLY A 78 10.44 5.26 -1.51
CA GLY A 78 9.40 5.15 -0.43
C GLY A 78 10.05 4.74 0.90
N LYS A 79 9.31 4.05 1.74
CA LYS A 79 9.75 3.76 3.09
C LYS A 79 10.19 2.30 3.31
N TYR A 80 9.87 1.44 2.34
CA TYR A 80 10.30 0.05 2.32
C TYR A 80 9.77 -0.82 3.40
N ASN A 81 8.70 -0.39 4.12
CA ASN A 81 8.24 -1.23 5.22
C ASN A 81 7.67 -2.58 4.77
N ARG A 82 7.01 -2.60 3.60
CA ARG A 82 6.25 -3.82 3.23
C ARG A 82 7.21 -4.89 2.90
N GLY A 83 8.27 -4.54 2.15
CA GLY A 83 9.23 -5.52 1.79
C GLY A 83 10.14 -5.94 2.94
N LEU A 84 10.55 -4.97 3.72
CA LEU A 84 11.29 -5.26 4.95
C LEU A 84 10.56 -6.23 5.87
N THR A 85 9.22 -6.05 5.97
CA THR A 85 8.45 -6.96 6.77
C THR A 85 8.58 -8.42 6.46
N VAL A 86 8.74 -8.77 5.16
CA VAL A 86 8.95 -10.16 4.80
C VAL A 86 10.28 -10.68 5.51
N VAL A 87 11.33 -9.86 5.44
CA VAL A 87 12.66 -10.25 5.91
C VAL A 87 12.61 -10.42 7.42
N VAL A 88 12.00 -9.44 8.07
CA VAL A 88 12.00 -9.43 9.55
C VAL A 88 11.12 -10.56 10.04
N ALA A 89 9.95 -10.73 9.45
CA ALA A 89 9.03 -11.78 9.86
C ALA A 89 9.64 -13.17 9.64
N PHE A 90 10.30 -13.35 8.49
CA PHE A 90 10.88 -14.61 8.17
C PHE A 90 11.92 -14.95 9.27
N ARG A 91 12.77 -14.00 9.61
CA ARG A 91 13.80 -14.20 10.64
C ARG A 91 13.12 -14.59 11.96
N GLU A 92 12.01 -13.99 12.26
CA GLU A 92 11.33 -14.26 13.52
C GLU A 92 10.60 -15.57 13.56
N LEU A 93 10.28 -16.16 12.42
CA LEU A 93 9.54 -17.36 12.34
C LEU A 93 10.40 -18.61 12.06
N VAL A 94 11.66 -18.43 11.66
CA VAL A 94 12.56 -19.59 11.32
C VAL A 94 13.81 -19.54 12.21
N GLU A 95 14.20 -20.68 12.78
CA GLU A 95 15.38 -20.86 13.64
C GLU A 95 16.59 -20.46 12.84
N PRO A 96 17.61 -19.76 13.44
CA PRO A 96 18.81 -19.48 12.66
C PRO A 96 19.48 -20.75 12.16
N ARG A 97 19.40 -21.87 12.90
CA ARG A 97 20.05 -23.07 12.34
C ARG A 97 19.46 -23.55 11.03
N LYS A 98 18.38 -22.92 10.57
CA LYS A 98 17.86 -23.11 9.20
C LYS A 98 18.03 -21.93 8.23
N GLN A 99 18.48 -20.78 8.71
CA GLN A 99 18.58 -19.59 7.90
C GLN A 99 19.93 -19.51 7.14
N ASP A 100 20.21 -20.44 6.22
CA ASP A 100 21.45 -20.32 5.40
C ASP A 100 21.43 -19.14 4.38
N ALA A 101 22.52 -18.99 3.63
CA ALA A 101 22.71 -17.81 2.80
C ALA A 101 21.61 -17.78 1.74
N ASP A 102 21.32 -18.96 1.19
CA ASP A 102 20.28 -19.09 0.19
C ASP A 102 18.88 -18.79 0.75
N SER A 103 18.58 -19.22 1.99
CA SER A 103 17.27 -18.97 2.62
C SER A 103 17.08 -17.49 2.84
N LEU A 104 18.13 -16.85 3.34
CA LEU A 104 18.09 -15.42 3.60
C LEU A 104 17.84 -14.66 2.28
N GLN A 105 18.53 -15.07 1.23
CA GLN A 105 18.39 -14.41 -0.07
CA GLN A 105 18.37 -14.34 -0.04
C GLN A 105 16.96 -14.52 -0.61
N ARG A 106 16.36 -15.68 -0.47
CA ARG A 106 14.94 -15.93 -0.89
C ARG A 106 14.06 -14.97 -0.13
N ALA A 107 14.29 -14.82 1.17
CA ALA A 107 13.47 -13.88 1.94
C ALA A 107 13.50 -12.43 1.49
N TRP A 108 14.68 -11.86 1.23
CA TRP A 108 14.76 -10.50 0.77
C TRP A 108 14.30 -10.38 -0.70
N THR A 109 14.42 -11.47 -1.46
CA THR A 109 13.93 -11.46 -2.84
C THR A 109 12.39 -11.35 -2.80
N VAL A 110 11.74 -12.15 -1.97
CA VAL A 110 10.27 -12.08 -1.82
C VAL A 110 9.87 -10.72 -1.24
N GLY A 111 10.65 -10.15 -0.30
CA GLY A 111 10.39 -8.80 0.14
C GLY A 111 10.42 -7.79 -1.03
N TRP A 112 11.43 -7.87 -1.92
CA TRP A 112 11.45 -7.09 -3.12
C TRP A 112 10.29 -7.35 -4.10
N CYS A 113 9.75 -8.56 -4.14
CA CYS A 113 8.53 -8.87 -4.86
C CYS A 113 7.37 -8.06 -4.34
N VAL A 114 7.19 -7.94 -2.99
CA VAL A 114 6.10 -7.11 -2.42
C VAL A 114 6.25 -5.64 -2.80
N GLU A 115 7.51 -5.16 -2.84
CA GLU A 115 7.82 -3.80 -3.30
C GLU A 115 7.47 -3.60 -4.77
N LEU A 116 7.76 -4.58 -5.62
CA LEU A 116 7.40 -4.51 -7.06
C LEU A 116 5.89 -4.49 -7.25
N LEU A 117 5.18 -5.25 -6.48
CA LEU A 117 3.70 -5.24 -6.51
C LEU A 117 3.19 -3.85 -6.20
N GLN A 118 3.76 -3.24 -5.15
CA GLN A 118 3.34 -1.89 -4.78
C GLN A 118 3.65 -0.95 -6.00
N ALA A 119 4.86 -1.08 -6.61
CA ALA A 119 5.28 -0.21 -7.65
C ALA A 119 4.41 -0.26 -8.90
N PHE A 120 4.13 -1.48 -9.35
CA PHE A 120 3.12 -1.77 -10.44
C PHE A 120 1.86 -0.96 -10.16
N PHE A 121 1.21 -1.20 -9.00
CA PHE A 121 -0.03 -0.55 -8.65
C PHE A 121 -0.07 0.97 -8.54
N LEU A 122 0.98 1.53 -8.00
CA LEU A 122 1.11 2.97 -7.84
C LEU A 122 1.32 3.68 -9.22
N VAL A 123 2.10 3.05 -10.13
CA VAL A 123 2.30 3.66 -11.42
C VAL A 123 0.91 3.88 -12.10
N ALA A 124 0.08 2.82 -12.08
CA ALA A 124 -1.24 2.84 -12.68
C ALA A 124 -2.17 3.74 -11.91
N ASP A 125 -2.11 3.66 -10.58
CA ASP A 125 -2.98 4.50 -9.77
C ASP A 125 -2.75 6.01 -10.02
N ASP A 126 -1.49 6.39 -10.18
CA ASP A 126 -1.19 7.78 -10.35
C ASP A 126 -1.81 8.32 -11.68
N ILE A 127 -1.83 7.47 -12.74
CA ILE A 127 -2.50 7.82 -13.99
C ILE A 127 -3.99 8.04 -13.73
N MET A 128 -4.62 7.04 -13.09
CA MET A 128 -6.06 7.02 -12.92
C MET A 128 -6.58 8.09 -11.94
N ASP A 129 -5.70 8.54 -11.06
CA ASP A 129 -6.00 9.56 -10.05
C ASP A 129 -5.54 10.97 -10.48
N SER A 130 -4.95 11.06 -11.67
CA SER A 130 -4.42 12.37 -12.20
C SER A 130 -3.41 12.99 -11.25
N SER A 131 -2.51 12.18 -10.70
CA SER A 131 -1.60 12.69 -9.64
C SER A 131 -0.43 13.42 -10.26
N LEU A 132 0.25 14.21 -9.46
CA LEU A 132 1.30 15.09 -9.95
C LEU A 132 2.68 14.54 -9.59
N THR A 133 2.88 14.25 -8.30
CA THR A 133 4.06 13.77 -7.70
C THR A 133 3.88 12.48 -6.89
N ARG A 134 4.97 11.77 -6.74
CA ARG A 134 5.08 10.52 -5.99
C ARG A 134 6.51 10.32 -5.52
N ARG A 135 6.68 10.01 -4.25
CA ARG A 135 8.00 9.71 -3.65
C ARG A 135 8.99 10.85 -3.93
N GLY A 136 8.50 12.08 -3.89
CA GLY A 136 9.33 13.27 -3.97
C GLY A 136 9.83 13.60 -5.39
N GLN A 137 9.17 13.10 -6.42
CA GLN A 137 9.45 13.44 -7.81
C GLN A 137 8.14 13.41 -8.65
N ILE A 138 8.18 13.96 -9.84
CA ILE A 138 7.09 13.86 -10.73
C ILE A 138 6.75 12.40 -11.00
N CYS A 139 5.44 12.19 -11.03
CA CYS A 139 4.90 10.87 -11.37
C CYS A 139 5.51 10.39 -12.68
N TRP A 140 5.80 9.10 -12.75
CA TRP A 140 6.39 8.48 -13.97
C TRP A 140 5.62 8.88 -15.25
N TYR A 141 4.29 8.78 -15.25
CA TYR A 141 3.55 9.07 -16.47
C TYR A 141 3.51 10.52 -16.86
N GLN A 142 3.79 11.42 -15.92
CA GLN A 142 3.94 12.87 -16.21
C GLN A 142 5.24 13.21 -16.92
N LYS A 143 6.21 12.31 -16.95
CA LYS A 143 7.45 12.67 -17.63
C LYS A 143 7.15 12.82 -19.10
N PRO A 144 7.61 13.98 -19.71
CA PRO A 144 7.54 14.08 -21.11
C PRO A 144 8.31 12.84 -21.59
N GLY A 145 7.76 12.23 -22.58
CA GLY A 145 8.44 11.07 -23.16
C GLY A 145 7.89 9.74 -22.65
N VAL A 146 7.20 9.77 -21.50
CA VAL A 146 6.60 8.54 -20.95
C VAL A 146 5.12 8.50 -21.25
N GLY A 147 4.36 9.36 -20.61
CA GLY A 147 2.91 9.35 -20.87
C GLY A 147 2.25 8.01 -20.67
N LEU A 148 1.34 7.68 -21.56
CA LEU A 148 0.51 6.47 -21.40
C LEU A 148 1.28 5.20 -21.67
N ASP A 149 2.51 5.30 -22.24
CA ASP A 149 3.35 4.13 -22.28
C ASP A 149 3.64 3.53 -20.84
N ALA A 150 3.46 4.38 -19.82
CA ALA A 150 3.51 3.86 -18.40
C ALA A 150 2.60 2.73 -18.11
N ILE A 151 1.49 2.61 -18.84
CA ILE A 151 0.61 1.44 -18.74
C ILE A 151 1.37 0.14 -18.90
N ASN A 152 2.16 0.02 -19.98
CA ASN A 152 2.92 -1.20 -20.20
C ASN A 152 4.08 -1.31 -19.19
N ASP A 153 4.73 -0.20 -18.86
CA ASP A 153 5.79 -0.17 -17.89
C ASP A 153 5.24 -0.78 -16.56
N ALA A 154 4.01 -0.46 -16.12
CA ALA A 154 3.46 -1.05 -14.93
C ALA A 154 3.29 -2.54 -15.07
N ASN A 155 2.79 -2.97 -16.22
CA ASN A 155 2.58 -4.41 -16.50
C ASN A 155 3.94 -5.13 -16.40
N LEU A 156 5.05 -4.54 -16.84
CA LEU A 156 6.35 -5.15 -16.68
C LEU A 156 6.81 -5.31 -15.25
N LEU A 157 6.52 -4.33 -14.40
CA LEU A 157 6.88 -4.44 -12.98
C LEU A 157 6.13 -5.63 -12.34
N GLU A 158 4.86 -5.77 -12.70
CA GLU A 158 4.09 -6.92 -12.23
C GLU A 158 4.77 -8.24 -12.66
N ALA A 159 5.19 -8.31 -13.93
CA ALA A 159 5.82 -9.54 -14.45
C ALA A 159 7.09 -9.87 -13.68
N CYS A 160 7.83 -8.86 -13.26
CA CYS A 160 9.11 -9.05 -12.56
C CYS A 160 8.92 -9.87 -11.27
N ILE A 161 7.76 -9.70 -10.59
CA ILE A 161 7.48 -10.53 -9.40
C ILE A 161 7.57 -12.03 -9.69
N TYR A 162 6.96 -12.49 -10.76
CA TYR A 162 6.90 -13.91 -11.08
C TYR A 162 8.22 -14.36 -11.68
N ARG A 163 8.96 -13.43 -12.32
CA ARG A 163 10.34 -13.80 -12.77
C ARG A 163 11.23 -14.08 -11.54
N LEU A 164 11.16 -13.25 -10.50
CA LEU A 164 11.99 -13.43 -9.32
C LEU A 164 11.57 -14.69 -8.57
N LEU A 165 10.28 -14.93 -8.46
CA LEU A 165 9.80 -16.15 -7.78
C LEU A 165 10.36 -17.41 -8.49
N LYS A 166 10.32 -17.41 -9.83
CA LYS A 166 10.87 -18.55 -10.60
C LYS A 166 12.36 -18.68 -10.41
N LEU A 167 13.09 -17.57 -10.47
CA LEU A 167 14.54 -17.63 -10.38
C LEU A 167 15.04 -18.15 -9.02
N TYR A 168 14.36 -17.76 -7.95
CA TYR A 168 14.84 -18.02 -6.58
C TYR A 168 14.05 -19.01 -5.75
N CYS A 169 12.80 -19.28 -6.05
CA CYS A 169 11.95 -20.15 -5.20
C CYS A 169 11.36 -21.40 -5.85
N ARG A 170 11.63 -21.63 -7.13
CA ARG A 170 10.92 -22.64 -7.88
C ARG A 170 11.04 -24.08 -7.37
N GLU A 171 12.14 -24.37 -6.69
CA GLU A 171 12.33 -25.70 -6.09
C GLU A 171 11.85 -25.82 -4.67
N GLN A 172 11.26 -24.76 -4.13
CA GLN A 172 10.85 -24.80 -2.72
C GLN A 172 9.42 -25.31 -2.59
N PRO A 173 9.09 -25.87 -1.42
CA PRO A 173 7.76 -26.46 -1.27
C PRO A 173 6.64 -25.42 -1.24
N TYR A 174 7.01 -24.20 -1.01
CA TYR A 174 5.99 -23.08 -0.89
C TYR A 174 5.80 -22.31 -2.20
N TYR A 175 6.52 -22.72 -3.25
CA TYR A 175 6.51 -21.92 -4.46
C TYR A 175 5.07 -21.63 -4.99
N LEU A 176 4.29 -22.66 -5.18
CA LEU A 176 2.92 -22.46 -5.65
C LEU A 176 2.08 -21.62 -4.66
N ASN A 177 2.25 -21.87 -3.37
CA ASN A 177 1.59 -21.00 -2.40
C ASN A 177 1.92 -19.53 -2.59
N LEU A 178 3.19 -19.21 -2.80
CA LEU A 178 3.61 -17.82 -2.98
C LEU A 178 2.99 -17.23 -4.29
N ILE A 179 3.07 -18.00 -5.40
CA ILE A 179 2.47 -17.55 -6.65
C ILE A 179 0.97 -17.26 -6.43
N GLU A 180 0.20 -18.18 -5.84
CA GLU A 180 -1.21 -17.96 -5.65
C GLU A 180 -1.47 -16.79 -4.71
N LEU A 181 -0.65 -16.60 -3.66
CA LEU A 181 -0.83 -15.48 -2.75
C LEU A 181 -0.67 -14.14 -3.48
N PHE A 182 0.40 -13.98 -4.30
CA PHE A 182 0.58 -12.77 -5.05
C PHE A 182 -0.57 -12.56 -6.05
N LEU A 183 -0.90 -13.59 -6.83
CA LEU A 183 -2.08 -13.47 -7.76
C LEU A 183 -3.39 -13.10 -7.04
N GLN A 184 -3.71 -13.75 -5.92
CA GLN A 184 -5.03 -13.47 -5.28
C GLN A 184 -4.96 -12.04 -4.68
N SER A 185 -3.85 -11.69 -4.01
CA SER A 185 -3.67 -10.33 -3.47
C SER A 185 -3.92 -9.29 -4.59
N SER A 186 -3.37 -9.52 -5.76
CA SER A 186 -3.49 -8.59 -6.88
C SER A 186 -4.93 -8.51 -7.32
N TYR A 187 -5.61 -9.67 -7.41
CA TYR A 187 -7.05 -9.63 -7.83
C TYR A 187 -7.93 -8.87 -6.80
N GLN A 188 -7.68 -9.11 -5.49
CA GLN A 188 -8.39 -8.40 -4.44
C GLN A 188 -8.15 -6.87 -4.54
N THR A 189 -6.88 -6.46 -4.83
CA THR A 189 -6.52 -5.07 -4.87
C THR A 189 -7.24 -4.40 -6.07
N GLU A 190 -7.27 -5.15 -7.16
CA GLU A 190 -7.90 -4.69 -8.37
C GLU A 190 -9.42 -4.51 -8.17
N ILE A 191 -10.09 -5.42 -7.45
CA ILE A 191 -11.51 -5.26 -7.08
C ILE A 191 -11.68 -4.01 -6.24
N GLY A 192 -10.72 -3.76 -5.37
CA GLY A 192 -10.86 -2.56 -4.52
C GLY A 192 -10.68 -1.30 -5.32
N GLN A 193 -9.70 -1.29 -6.25
CA GLN A 193 -9.52 -0.17 -7.15
C GLN A 193 -10.81 0.10 -7.94
N THR A 194 -11.47 -0.97 -8.38
CA THR A 194 -12.75 -0.85 -9.10
C THR A 194 -13.76 -0.09 -8.25
N LEU A 195 -13.91 -0.54 -7.01
CA LEU A 195 -14.81 0.15 -6.11
C LEU A 195 -14.46 1.59 -5.85
N ASP A 196 -13.19 1.86 -5.64
CA ASP A 196 -12.67 3.23 -5.50
C ASP A 196 -13.11 4.11 -6.68
N LEU A 197 -12.92 3.61 -7.89
CA LEU A 197 -13.13 4.37 -9.07
C LEU A 197 -14.61 4.52 -9.33
N LEU A 198 -15.45 3.53 -9.09
CA LEU A 198 -16.90 3.62 -9.28
C LEU A 198 -17.60 4.56 -8.33
N THR A 199 -17.07 4.67 -7.13
CA THR A 199 -17.65 5.52 -6.13
C THR A 199 -17.25 6.99 -6.37
N ALA A 200 -16.25 7.25 -7.22
CA ALA A 200 -15.65 8.58 -7.45
C ALA A 200 -15.72 8.98 -8.96
N PRO A 201 -16.92 9.07 -9.48
CA PRO A 201 -17.07 9.48 -10.89
C PRO A 201 -16.75 10.97 -11.12
N GLN A 202 -16.06 11.28 -12.23
CA GLN A 202 -15.84 12.65 -12.57
C GLN A 202 -17.17 13.30 -13.02
N GLY A 203 -17.38 14.53 -12.63
CA GLY A 203 -18.46 15.31 -13.20
C GLY A 203 -19.83 15.06 -12.58
N ASN A 204 -19.87 14.18 -11.57
CA ASN A 204 -21.10 13.64 -11.01
C ASN A 204 -21.00 13.73 -9.47
N VAL A 205 -21.96 14.38 -8.81
CA VAL A 205 -22.15 14.30 -7.32
C VAL A 205 -22.38 12.91 -6.84
N ASP A 206 -21.61 12.43 -5.86
CA ASP A 206 -21.81 11.06 -5.36
C ASP A 206 -21.86 11.07 -3.84
N LEU A 207 -22.25 12.20 -3.21
CA LEU A 207 -22.27 12.27 -1.71
C LEU A 207 -23.07 11.16 -1.05
N VAL A 208 -24.25 10.81 -1.58
CA VAL A 208 -25.10 9.76 -0.96
C VAL A 208 -24.40 8.41 -0.84
N ARG A 209 -23.42 8.17 -1.68
CA ARG A 209 -22.68 6.92 -1.63
C ARG A 209 -21.54 6.92 -0.66
N PHE A 210 -21.21 8.09 -0.08
CA PHE A 210 -20.04 8.21 0.72
C PHE A 210 -20.41 7.87 2.20
N THR A 211 -20.55 6.57 2.46
CA THR A 211 -20.94 6.04 3.78
C THR A 211 -19.82 5.27 4.40
N GLU A 212 -19.84 5.08 5.74
CA GLU A 212 -18.78 4.32 6.43
C GLU A 212 -18.79 2.90 5.87
N LYS A 213 -19.98 2.37 5.57
CA LYS A 213 -20.09 1.00 5.12
C LYS A 213 -19.40 0.82 3.76
N ARG A 214 -19.62 1.75 2.87
CA ARG A 214 -18.91 1.70 1.56
C ARG A 214 -17.44 1.94 1.73
N TYR A 215 -17.09 2.91 2.59
CA TYR A 215 -15.70 3.23 2.86
C TYR A 215 -14.98 1.99 3.31
N LYS A 216 -15.54 1.28 4.29
CA LYS A 216 -14.81 0.12 4.84
C LYS A 216 -14.55 -1.01 3.81
N SER A 217 -15.47 -1.17 2.88
CA SER A 217 -15.37 -2.19 1.85
CA SER A 217 -15.35 -2.19 1.82
C SER A 217 -14.29 -1.75 0.88
N ILE A 218 -14.33 -0.49 0.48
CA ILE A 218 -13.29 -0.01 -0.46
C ILE A 218 -11.91 -0.27 0.11
N VAL A 219 -11.62 0.15 1.32
CA VAL A 219 -10.23 0.13 1.84
C VAL A 219 -9.77 -1.31 2.17
N LYS A 220 -10.68 -2.16 2.55
CA LYS A 220 -10.38 -3.59 2.83
C LYS A 220 -9.78 -4.20 1.58
N TYR A 221 -10.49 -3.98 0.45
CA TYR A 221 -10.00 -4.55 -0.85
C TYR A 221 -8.84 -3.80 -1.45
N LYS A 222 -8.92 -2.46 -1.51
CA LYS A 222 -7.83 -1.72 -2.24
C LYS A 222 -6.52 -1.59 -1.50
N THR A 223 -6.53 -1.78 -0.17
CA THR A 223 -5.31 -1.63 0.61
C THR A 223 -5.00 -2.72 1.62
N ALA A 224 -5.96 -3.24 2.28
CA ALA A 224 -5.64 -4.14 3.40
C ALA A 224 -4.96 -5.45 3.01
N PHE A 225 -5.33 -6.02 1.86
CA PHE A 225 -4.75 -7.28 1.47
C PHE A 225 -3.28 -7.11 1.08
N TYR A 226 -2.98 -6.13 0.22
CA TYR A 226 -1.64 -6.05 -0.34
C TYR A 226 -0.63 -5.30 0.47
N SER A 227 -0.99 -4.58 1.52
CA SER A 227 -0.07 -3.74 2.28
CA SER A 227 -0.01 -3.79 2.21
C SER A 227 0.68 -4.53 3.34
N PHE A 228 -0.05 -5.09 4.27
CA PHE A 228 0.59 -5.83 5.44
C PHE A 228 0.21 -7.34 5.58
N TYR A 229 -0.98 -7.75 5.14
CA TYR A 229 -1.37 -9.20 5.01
C TYR A 229 -0.45 -9.95 4.08
N LEU A 230 -0.29 -9.41 2.88
CA LEU A 230 0.56 -10.05 1.89
C LEU A 230 2.01 -10.37 2.43
N PRO A 231 2.76 -9.40 2.92
CA PRO A 231 4.15 -9.70 3.33
C PRO A 231 4.25 -10.70 4.50
N ILE A 232 3.36 -10.57 5.47
CA ILE A 232 3.43 -11.52 6.56
C ILE A 232 2.97 -12.91 6.14
N ALA A 233 1.85 -13.00 5.40
CA ALA A 233 1.46 -14.30 4.82
C ALA A 233 2.60 -14.96 4.00
N ALA A 234 3.33 -14.17 3.21
CA ALA A 234 4.47 -14.69 2.42
C ALA A 234 5.54 -15.28 3.31
N ALA A 235 5.90 -14.54 4.33
CA ALA A 235 6.89 -15.03 5.33
C ALA A 235 6.36 -16.30 6.02
N MET A 236 5.06 -16.33 6.40
CA MET A 236 4.53 -17.53 6.98
C MET A 236 4.64 -18.77 6.08
N TYR A 237 4.31 -18.61 4.82
CA TYR A 237 4.54 -19.69 3.86
C TYR A 237 5.98 -20.14 3.75
N MET A 238 6.85 -19.18 3.66
CA MET A 238 8.29 -19.48 3.59
C MET A 238 8.79 -20.25 4.81
N ALA A 239 8.19 -19.97 5.98
CA ALA A 239 8.49 -20.69 7.22
C ALA A 239 7.78 -22.00 7.33
N GLY A 240 7.00 -22.41 6.36
CA GLY A 240 6.32 -23.69 6.43
C GLY A 240 4.99 -23.61 7.14
N ILE A 241 4.53 -22.39 7.47
CA ILE A 241 3.27 -22.23 8.14
C ILE A 241 2.20 -22.02 7.13
N ASP A 242 1.52 -23.10 6.75
CA ASP A 242 0.62 -23.06 5.68
C ASP A 242 -0.83 -23.29 6.08
N GLY A 243 -1.09 -23.39 7.39
CA GLY A 243 -2.43 -23.73 7.85
C GLY A 243 -3.47 -22.64 7.65
N GLU A 244 -4.68 -23.04 7.27
CA GLU A 244 -5.79 -22.12 7.04
CA GLU A 244 -5.79 -22.11 7.02
C GLU A 244 -6.12 -21.30 8.28
N LYS A 245 -6.21 -21.98 9.41
CA LYS A 245 -6.53 -21.28 10.64
C LYS A 245 -5.47 -20.21 11.06
N GLU A 246 -4.18 -20.58 11.03
CA GLU A 246 -3.15 -19.61 11.36
C GLU A 246 -3.14 -18.41 10.39
N HIS A 247 -3.30 -18.66 9.08
CA HIS A 247 -3.48 -17.54 8.12
C HIS A 247 -4.70 -16.64 8.41
N ALA A 248 -5.83 -17.26 8.78
CA ALA A 248 -6.99 -16.49 9.07
C ALA A 248 -6.82 -15.63 10.32
N ASN A 249 -6.18 -16.18 11.38
CA ASN A 249 -5.92 -15.44 12.59
C ASN A 249 -4.99 -14.27 12.30
N ALA A 250 -3.91 -14.50 11.53
CA ALA A 250 -3.04 -13.40 11.13
C ALA A 250 -3.78 -12.31 10.36
N LYS A 251 -4.69 -12.74 9.46
CA LYS A 251 -5.49 -11.85 8.68
C LYS A 251 -6.35 -10.92 9.53
N LYS A 252 -6.86 -11.44 10.64
CA LYS A 252 -7.72 -10.65 11.53
C LYS A 252 -7.02 -9.41 12.06
N ILE A 253 -5.75 -9.55 12.38
CA ILE A 253 -4.93 -8.48 12.85
C ILE A 253 -4.56 -7.55 11.66
N LEU A 254 -4.14 -8.21 10.58
CA LEU A 254 -3.38 -7.42 9.55
C LEU A 254 -4.32 -6.60 8.66
N LEU A 255 -5.53 -7.10 8.45
CA LEU A 255 -6.45 -6.32 7.61
C LEU A 255 -6.83 -5.05 8.35
N GLU A 256 -6.96 -5.13 9.68
CA GLU A 256 -7.34 -3.95 10.46
C GLU A 256 -6.21 -2.92 10.48
N MET A 257 -4.96 -3.42 10.50
CA MET A 257 -3.80 -2.55 10.41
C MET A 257 -3.86 -1.80 9.05
N GLY A 258 -4.16 -2.54 8.00
CA GLY A 258 -4.26 -1.96 6.69
C GLY A 258 -5.37 -0.98 6.47
N GLU A 259 -6.48 -1.19 7.15
CA GLU A 259 -7.57 -0.27 7.06
CA GLU A 259 -7.62 -0.24 7.18
C GLU A 259 -7.17 1.05 7.77
N PHE A 260 -6.54 0.99 8.94
CA PHE A 260 -5.91 2.18 9.55
C PHE A 260 -4.93 2.93 8.65
N PHE A 261 -4.09 2.16 7.93
CA PHE A 261 -3.10 2.75 7.14
C PHE A 261 -3.75 3.58 6.02
N GLN A 262 -4.83 3.07 5.44
CA GLN A 262 -5.57 3.82 4.38
C GLN A 262 -6.26 5.06 4.94
N ILE A 263 -6.79 4.97 6.17
CA ILE A 263 -7.44 6.15 6.80
C ILE A 263 -6.41 7.22 7.03
N GLN A 264 -5.19 6.88 7.52
CA GLN A 264 -4.09 7.78 7.68
C GLN A 264 -3.62 8.40 6.31
N ASP A 265 -3.61 7.53 5.28
CA ASP A 265 -3.33 8.01 3.94
C ASP A 265 -4.34 9.08 3.48
N ASP A 266 -5.61 8.87 3.76
CA ASP A 266 -6.67 9.79 3.38
C ASP A 266 -6.53 11.11 4.20
N TYR A 267 -6.24 11.03 5.49
CA TYR A 267 -6.01 12.21 6.28
C TYR A 267 -4.84 13.01 5.72
N LEU A 268 -3.72 12.33 5.40
CA LEU A 268 -2.55 13.01 5.01
C LEU A 268 -2.64 13.66 3.57
N ASP A 269 -3.56 13.10 2.73
CA ASP A 269 -3.79 13.61 1.39
C ASP A 269 -3.97 15.14 1.42
N LEU A 270 -4.71 15.55 2.45
CA LEU A 270 -4.97 16.97 2.71
C LEU A 270 -4.28 17.69 3.82
N PHE A 271 -3.98 16.98 4.90
CA PHE A 271 -3.37 17.59 6.12
C PHE A 271 -1.88 17.30 6.26
N GLY A 272 -1.31 16.39 5.44
CA GLY A 272 0.09 16.11 5.56
C GLY A 272 0.92 17.07 4.78
N ASP A 273 2.19 17.12 5.14
CA ASP A 273 3.18 17.95 4.46
C ASP A 273 3.78 17.18 3.31
N PRO A 274 3.56 17.64 2.07
CA PRO A 274 4.15 16.95 0.90
C PRO A 274 5.64 16.85 0.90
N SER A 275 6.31 17.73 1.63
CA SER A 275 7.77 17.54 1.73
C SER A 275 8.09 16.29 2.51
N VAL A 276 7.19 15.82 3.39
CA VAL A 276 7.30 14.60 4.13
C VAL A 276 6.61 13.42 3.39
N THR A 277 5.41 13.62 2.84
CA THR A 277 4.72 12.47 2.27
C THR A 277 5.30 12.11 0.88
N GLY A 278 5.81 13.12 0.22
CA GLY A 278 6.43 13.00 -1.10
C GLY A 278 5.38 13.05 -2.26
N LYS A 279 4.13 13.38 -1.93
CA LYS A 279 3.06 13.44 -2.95
CA LYS A 279 3.07 13.45 -2.95
C LYS A 279 2.04 14.53 -2.68
N ILE A 280 1.46 15.07 -3.75
CA ILE A 280 0.38 16.04 -3.66
C ILE A 280 -0.94 15.34 -3.68
N GLY A 281 -1.85 15.73 -2.76
CA GLY A 281 -3.16 15.11 -2.70
C GLY A 281 -4.11 15.58 -3.80
N THR A 282 -5.02 14.69 -4.19
CA THR A 282 -5.97 14.85 -5.26
C THR A 282 -7.40 14.40 -4.87
N ASP A 283 -7.63 13.95 -3.62
CA ASP A 283 -8.87 13.29 -3.33
C ASP A 283 -10.13 14.18 -3.54
N ILE A 284 -10.06 15.46 -3.11
CA ILE A 284 -11.20 16.32 -3.25
C ILE A 284 -11.51 16.56 -4.73
N GLN A 285 -10.49 16.92 -5.51
CA GLN A 285 -10.67 17.20 -6.94
C GLN A 285 -11.17 15.93 -7.68
N ASP A 286 -10.67 14.76 -7.27
CA ASP A 286 -11.06 13.46 -7.81
C ASP A 286 -12.43 12.85 -7.29
N ASN A 287 -13.14 13.59 -6.46
CA ASN A 287 -14.43 13.14 -5.98
C ASN A 287 -14.37 11.84 -5.18
N LYS A 288 -13.30 11.63 -4.40
CA LYS A 288 -13.03 10.33 -3.77
CA LYS A 288 -13.03 10.33 -3.76
C LYS A 288 -13.88 10.14 -2.50
N CYS A 289 -14.25 8.88 -2.23
CA CYS A 289 -14.85 8.46 -0.95
C CYS A 289 -13.72 8.32 0.10
N SER A 290 -13.12 9.47 0.47
CA SER A 290 -12.08 9.55 1.48
CA SER A 290 -12.09 9.55 1.49
C SER A 290 -12.70 9.41 2.89
N TRP A 291 -11.88 8.96 3.82
CA TRP A 291 -12.34 8.95 5.26
C TRP A 291 -12.74 10.34 5.63
N LEU A 292 -12.03 11.35 5.13
CA LEU A 292 -12.39 12.77 5.52
C LEU A 292 -13.81 13.11 5.09
N VAL A 293 -14.20 12.82 3.85
CA VAL A 293 -15.50 13.24 3.42
C VAL A 293 -16.61 12.46 4.14
N VAL A 294 -16.35 11.17 4.41
CA VAL A 294 -17.24 10.37 5.20
C VAL A 294 -17.48 10.97 6.59
N GLN A 295 -16.43 11.31 7.29
CA GLN A 295 -16.49 11.93 8.63
C GLN A 295 -17.20 13.30 8.52
N CYS A 296 -16.92 14.05 7.46
CA CYS A 296 -17.60 15.36 7.22
C CYS A 296 -19.10 15.19 7.15
N LEU A 297 -19.59 14.27 6.33
CA LEU A 297 -20.98 14.02 6.09
C LEU A 297 -21.67 13.59 7.40
N GLN A 298 -20.96 12.85 8.22
CA GLN A 298 -21.55 12.39 9.51
C GLN A 298 -21.91 13.56 10.46
N ARG A 299 -21.14 14.63 10.39
CA ARG A 299 -21.25 15.77 11.34
C ARG A 299 -21.90 16.99 10.70
N ALA A 300 -22.05 17.03 9.38
CA ALA A 300 -22.43 18.31 8.71
C ALA A 300 -23.89 18.70 8.99
N THR A 301 -24.13 20.00 9.26
CA THR A 301 -25.49 20.50 9.17
C THR A 301 -26.00 20.52 7.73
N PRO A 302 -27.30 20.74 7.51
CA PRO A 302 -27.80 20.85 6.13
C PRO A 302 -27.07 21.94 5.30
N GLU A 303 -26.77 23.05 5.97
CA GLU A 303 -26.08 24.17 5.32
C GLU A 303 -24.72 23.69 4.87
N GLN A 304 -24.06 22.94 5.77
CA GLN A 304 -22.71 22.43 5.51
C GLN A 304 -22.73 21.34 4.43
N TYR A 305 -23.77 20.50 4.41
CA TYR A 305 -23.98 19.55 3.33
C TYR A 305 -24.02 20.29 1.98
N GLN A 306 -24.74 21.43 1.89
CA GLN A 306 -24.82 22.14 0.61
C GLN A 306 -23.45 22.70 0.22
N ILE A 307 -22.66 23.20 1.18
CA ILE A 307 -21.31 23.70 0.91
C ILE A 307 -20.44 22.55 0.26
N LEU A 308 -20.50 21.39 0.87
CA LEU A 308 -19.77 20.22 0.40
C LEU A 308 -20.28 19.84 -1.00
N LYS A 309 -21.60 19.77 -1.18
CA LYS A 309 -22.18 19.42 -2.48
C LYS A 309 -21.73 20.35 -3.60
N GLU A 310 -21.68 21.65 -3.31
CA GLU A 310 -21.40 22.68 -4.30
C GLU A 310 -19.89 22.74 -4.58
N ASN A 311 -19.06 22.20 -3.70
CA ASN A 311 -17.61 22.40 -3.88
C ASN A 311 -16.74 21.11 -4.12
N TYR A 312 -17.27 19.94 -3.79
CA TYR A 312 -16.50 18.67 -3.80
C TYR A 312 -16.39 18.18 -5.26
N GLY A 313 -15.29 17.50 -5.58
CA GLY A 313 -15.20 16.70 -6.82
C GLY A 313 -14.94 17.60 -8.07
N GLN A 314 -14.28 18.74 -7.87
CA GLN A 314 -14.09 19.78 -8.90
C GLN A 314 -12.66 20.30 -8.91
N LYS A 315 -12.20 20.71 -10.08
CA LYS A 315 -10.78 21.10 -10.23
C LYS A 315 -10.44 22.48 -9.65
N GLU A 316 -11.40 23.37 -9.37
CA GLU A 316 -11.04 24.72 -9.07
C GLU A 316 -10.43 24.82 -7.68
N ALA A 317 -9.28 25.50 -7.56
CA ALA A 317 -8.61 25.56 -6.28
C ALA A 317 -9.46 26.21 -5.17
N GLU A 318 -10.17 27.27 -5.53
CA GLU A 318 -11.07 27.96 -4.58
C GLU A 318 -12.13 27.03 -4.00
N LYS A 319 -12.58 26.08 -4.77
CA LYS A 319 -13.63 25.11 -4.31
C LYS A 319 -13.03 24.11 -3.36
N VAL A 320 -11.84 23.66 -3.73
CA VAL A 320 -11.06 22.70 -2.86
C VAL A 320 -10.79 23.37 -1.53
N ALA A 321 -10.38 24.66 -1.57
CA ALA A 321 -10.11 25.41 -0.36
C ALA A 321 -11.35 25.49 0.53
N ARG A 322 -12.50 25.61 -0.06
CA ARG A 322 -13.75 25.67 0.74
C ARG A 322 -14.07 24.39 1.48
N VAL A 323 -13.81 23.25 0.82
CA VAL A 323 -13.96 21.96 1.50
C VAL A 323 -12.99 21.80 2.68
N LYS A 324 -11.75 22.11 2.47
CA LYS A 324 -10.73 22.03 3.54
C LYS A 324 -11.17 22.93 4.71
N ALA A 325 -11.71 24.11 4.40
CA ALA A 325 -12.15 24.99 5.51
C ALA A 325 -13.29 24.35 6.30
N LEU A 326 -14.16 23.66 5.60
CA LEU A 326 -15.25 22.97 6.27
C LEU A 326 -14.76 21.88 7.19
N TYR A 327 -13.85 21.09 6.67
CA TYR A 327 -13.23 20.01 7.47
C TYR A 327 -12.56 20.61 8.74
N GLU A 328 -11.93 21.76 8.62
CA GLU A 328 -11.26 22.37 9.77
C GLU A 328 -12.33 22.87 10.75
N GLU A 329 -13.41 23.41 10.22
CA GLU A 329 -14.47 23.94 11.08
CA GLU A 329 -14.48 23.94 11.08
C GLU A 329 -15.08 22.82 11.89
N LEU A 330 -15.12 21.61 11.31
CA LEU A 330 -15.67 20.45 11.96
C LEU A 330 -14.65 19.66 12.79
N ASP A 331 -13.47 20.21 12.95
CA ASP A 331 -12.37 19.68 13.80
C ASP A 331 -11.97 18.27 13.37
N LEU A 332 -12.07 18.00 12.07
CA LEU A 332 -11.64 16.65 11.60
C LEU A 332 -10.19 16.27 11.94
N PRO A 333 -9.21 17.19 11.96
CA PRO A 333 -7.87 16.77 12.47
C PRO A 333 -7.91 16.19 13.92
N ALA A 334 -8.75 16.75 14.81
CA ALA A 334 -8.88 16.17 16.14
C ALA A 334 -9.60 14.87 16.13
N VAL A 335 -10.60 14.69 15.26
CA VAL A 335 -11.34 13.45 15.13
C VAL A 335 -10.36 12.35 14.67
N PHE A 336 -9.50 12.75 13.73
CA PHE A 336 -8.48 11.76 13.28
C PHE A 336 -7.51 11.36 14.42
N LEU A 337 -7.11 12.32 15.23
CA LEU A 337 -6.17 12.05 16.36
C LEU A 337 -6.79 11.07 17.30
N GLN A 338 -8.05 11.31 17.65
CA GLN A 338 -8.77 10.38 18.49
C GLN A 338 -8.92 8.99 17.85
N TYR A 339 -9.18 8.97 16.55
CA TYR A 339 -9.30 7.69 15.87
C TYR A 339 -8.00 6.90 15.88
N GLU A 340 -6.87 7.55 15.71
CA GLU A 340 -5.55 6.88 15.65
C GLU A 340 -5.27 6.23 17.02
N GLU A 341 -5.67 6.93 18.08
CA GLU A 341 -5.54 6.34 19.45
C GLU A 341 -6.47 5.13 19.66
N ASP A 342 -7.72 5.31 19.30
CA ASP A 342 -8.63 4.24 19.40
C ASP A 342 -8.22 3.02 18.54
N SER A 343 -7.69 3.29 17.34
CA SER A 343 -7.32 2.23 16.45
C SER A 343 -6.12 1.42 16.94
N TYR A 344 -5.13 2.14 17.40
CA TYR A 344 -3.91 1.52 17.98
C TYR A 344 -4.32 0.58 19.13
N SER A 345 -5.15 1.06 20.04
CA SER A 345 -5.62 0.20 21.12
C SER A 345 -6.36 -1.07 20.65
N HIS A 346 -7.18 -0.91 19.61
CA HIS A 346 -7.91 -2.02 19.05
C HIS A 346 -7.04 -3.08 18.43
N ILE A 347 -6.05 -2.62 17.66
CA ILE A 347 -5.10 -3.50 16.96
C ILE A 347 -4.28 -4.25 18.05
N MET A 348 -3.96 -3.55 19.14
CA MET A 348 -3.22 -4.22 20.24
C MET A 348 -4.10 -5.28 20.83
N ALA A 349 -5.34 -4.98 21.06
CA ALA A 349 -6.19 -6.02 21.55
C ALA A 349 -6.39 -7.22 20.63
N LEU A 350 -6.42 -6.97 19.31
CA LEU A 350 -6.46 -8.07 18.37
C LEU A 350 -5.15 -8.91 18.39
N ILE A 351 -4.03 -8.26 18.63
CA ILE A 351 -2.72 -8.99 18.76
C ILE A 351 -2.84 -9.95 19.95
N GLU A 352 -3.42 -9.45 21.04
CA GLU A 352 -3.60 -10.32 22.20
C GLU A 352 -4.54 -11.46 21.92
N GLN A 353 -5.60 -11.24 21.17
CA GLN A 353 -6.52 -12.29 20.83
C GLN A 353 -5.97 -13.35 19.87
N TYR A 354 -5.32 -12.89 18.78
CA TYR A 354 -5.07 -13.71 17.58
C TYR A 354 -3.60 -13.99 17.25
N ALA A 355 -2.64 -13.44 17.96
CA ALA A 355 -1.19 -13.59 17.53
C ALA A 355 -0.78 -15.05 17.71
N ALA A 356 -1.18 -15.65 18.83
CA ALA A 356 -0.63 -16.99 19.13
C ALA A 356 -0.98 -18.00 18.04
N PRO A 357 -0.04 -18.94 17.75
CA PRO A 357 1.21 -19.23 18.42
C PRO A 357 2.42 -18.47 17.81
N LEU A 358 2.18 -17.48 16.95
CA LEU A 358 3.28 -16.69 16.42
C LEU A 358 3.82 -15.72 17.46
N PRO A 359 5.09 -15.38 17.37
CA PRO A 359 5.60 -14.40 18.34
C PRO A 359 4.90 -13.06 18.24
N PRO A 360 4.40 -12.49 19.35
CA PRO A 360 3.82 -11.20 19.27
C PRO A 360 4.68 -10.17 18.56
N ALA A 361 6.02 -10.26 18.68
CA ALA A 361 6.83 -9.27 18.11
C ALA A 361 6.62 -9.14 16.57
N VAL A 362 6.13 -10.20 15.95
CA VAL A 362 5.85 -10.16 14.50
C VAL A 362 4.90 -9.02 14.19
N PHE A 363 3.86 -8.88 14.97
CA PHE A 363 2.84 -7.86 14.77
C PHE A 363 3.23 -6.54 15.48
N LEU A 364 3.83 -6.63 16.66
CA LEU A 364 4.26 -5.43 17.38
C LEU A 364 5.23 -4.56 16.62
N GLY A 365 6.16 -5.15 15.89
CA GLY A 365 7.07 -4.30 15.17
C GLY A 365 6.35 -3.62 14.04
N LEU A 366 5.36 -4.24 13.43
CA LEU A 366 4.57 -3.57 12.36
C LEU A 366 3.76 -2.43 12.94
N ALA A 367 3.10 -2.69 14.06
CA ALA A 367 2.31 -1.66 14.71
C ALA A 367 3.18 -0.46 15.08
N ARG A 368 4.39 -0.73 15.60
CA ARG A 368 5.32 0.38 15.96
C ARG A 368 5.55 1.34 14.79
N LYS A 369 5.85 0.76 13.63
CA LYS A 369 6.17 1.50 12.40
C LYS A 369 4.93 2.20 11.87
N ILE A 370 3.80 1.51 11.83
CA ILE A 370 2.58 2.13 11.31
C ILE A 370 2.03 3.28 12.13
N TYR A 371 2.05 3.17 13.44
CA TYR A 371 1.45 4.16 14.33
C TYR A 371 2.46 5.17 14.90
N LYS A 372 3.68 5.19 14.33
CA LYS A 372 4.74 6.14 14.73
C LYS A 372 4.17 7.52 14.79
#